data_6F5Q
#
_entry.id   6F5Q
#
_cell.length_a   72.437
_cell.length_b   72.437
_cell.length_c   151.666
_cell.angle_alpha   90.000
_cell.angle_beta   90.000
_cell.angle_gamma   90.000
#
_symmetry.space_group_name_H-M   'P 43 21 2'
#
loop_
_entity.id
_entity.type
_entity.pdbx_description
1 polymer 'Lysine-specific demethylase 4D'
2 non-polymer 'ZINC ION'
3 non-polymer 'CHLORIDE ION'
4 non-polymer 1,2-ETHANEDIOL
5 non-polymer 'SULFATE ION'
6 non-polymer 'NICKEL (II) ION'
7 non-polymer '2-[2-(methylsulfonylamino)ethylamino]pyridine-4-carboxylic acid'
8 water water
#
_entity_poly.entity_id   1
_entity_poly.type   'polypeptide(L)'
_entity_poly.pdbx_seq_one_letter_code
;METMKSKANCAQNPNCNIMIFHPTKEEFNDFDKYIAYMESQGAHRAGLAKIIPPKEWKARETYDNISEILIATPLQQVAS
GRAGVFTQYHKKKKAMTVGEYRHLANSKKYQTPPHQNFEDLERKYWKNRIYNSPIYGADISGSLFDENTKQWNLGHLGTI
QDLLEKECGVVIEGVNTPYLYFGMWKTTFAWHTEDMDLYSINYLHLGEPKTWYVVPPEHGQRLERLARELFPGSSRGCGA
FLRHKVALISPTVLKENGIPFNRITQEAGEFMVTFPYGYHAGFNHGFNCAEAINFATPRWIDYGKMASQCSCGEARVTFS
MDAFVRILQPERYDLWKRGQDR
;
_entity_poly.pdbx_strand_id   A
#
loop_
_chem_comp.id
_chem_comp.type
_chem_comp.name
_chem_comp.formula
CL non-polymer 'CHLORIDE ION' 'Cl -1'
CTK non-polymer '2-[2-(methylsulfonylamino)ethylamino]pyridine-4-carboxylic acid' 'C9 H13 N3 O4 S'
EDO non-polymer 1,2-ETHANEDIOL 'C2 H6 O2'
NI non-polymer 'NICKEL (II) ION' 'Ni 2'
SO4 non-polymer 'SULFATE ION' 'O4 S -2'
ZN non-polymer 'ZINC ION' 'Zn 2'
#
# COMPACT_ATOMS: atom_id res chain seq x y z
N ALA A 11 10.73 16.55 20.82
CA ALA A 11 10.14 15.52 19.93
C ALA A 11 10.31 15.87 18.45
N GLN A 12 10.80 14.94 17.64
CA GLN A 12 11.06 15.21 16.24
CA GLN A 12 11.07 15.20 16.24
C GLN A 12 9.79 15.10 15.41
N ASN A 13 9.65 15.99 14.43
CA ASN A 13 8.51 16.01 13.51
C ASN A 13 7.17 16.06 14.25
N PRO A 14 6.97 17.04 15.15
CA PRO A 14 5.75 17.05 15.96
C PRO A 14 4.48 17.30 15.15
N ASN A 15 4.57 17.98 13.99
CA ASN A 15 3.39 18.19 13.16
C ASN A 15 3.09 16.99 12.26
N CYS A 16 3.92 15.94 12.31
CA CYS A 16 3.64 14.69 11.55
C CYS A 16 3.65 14.90 10.04
N ASN A 17 4.58 15.73 9.55
CA ASN A 17 4.73 15.94 8.11
C ASN A 17 5.39 14.73 7.45
N ILE A 18 5.03 14.49 6.18
CA ILE A 18 5.71 13.47 5.37
C ILE A 18 7.11 13.98 5.05
N MET A 19 8.12 13.20 5.43
CA MET A 19 9.52 13.55 5.19
C MET A 19 10.07 12.82 3.97
N ILE A 20 11.01 13.48 3.29
CA ILE A 20 11.66 12.98 2.08
C ILE A 20 13.15 12.85 2.36
N PHE A 21 13.72 11.68 2.06
CA PHE A 21 15.11 11.37 2.35
C PHE A 21 15.91 11.15 1.07
N HIS A 22 17.18 11.57 1.09
CA HIS A 22 18.12 11.42 -0.01
C HIS A 22 19.38 10.72 0.47
N PRO A 23 19.32 9.41 0.75
CA PRO A 23 20.53 8.69 1.20
C PRO A 23 21.65 8.71 0.17
N THR A 24 22.88 8.79 0.68
CA THR A 24 24.05 8.59 -0.17
C THR A 24 24.21 7.10 -0.50
N LYS A 25 25.10 6.81 -1.45
CA LYS A 25 25.33 5.41 -1.79
C LYS A 25 25.81 4.61 -0.59
N GLU A 26 26.64 5.22 0.28
CA GLU A 26 27.09 4.52 1.47
C GLU A 26 25.95 4.27 2.47
N GLU A 27 25.05 5.25 2.63
CA GLU A 27 23.92 5.11 3.53
C GLU A 27 22.88 4.12 3.02
N PHE A 28 22.94 3.76 1.74
CA PHE A 28 21.98 2.85 1.12
C PHE A 28 22.37 1.39 1.28
N ASN A 29 23.47 1.11 1.96
CA ASN A 29 23.94 -0.26 2.09
C ASN A 29 23.14 -1.06 3.10
N ASP A 30 22.88 -0.47 4.28
CA ASP A 30 22.29 -1.18 5.41
C ASP A 30 20.84 -0.73 5.58
N PHE A 31 19.91 -1.55 5.09
CA PHE A 31 18.49 -1.19 5.06
C PHE A 31 17.95 -0.91 6.46
N ASP A 32 18.13 -1.86 7.39
N ASP A 32 18.16 -1.84 7.38
CA ASP A 32 17.59 -1.72 8.74
CA ASP A 32 17.57 -1.70 8.71
C ASP A 32 18.12 -0.44 9.39
C ASP A 32 18.12 -0.47 9.43
N LYS A 33 19.41 -0.16 9.20
CA LYS A 33 20.02 1.02 9.83
C LYS A 33 19.37 2.30 9.31
N TYR A 34 19.05 2.35 8.02
CA TYR A 34 18.45 3.58 7.48
C TYR A 34 17.00 3.74 7.91
N ILE A 35 16.23 2.66 8.05
CA ILE A 35 14.88 2.78 8.61
C ILE A 35 14.96 3.38 10.00
N ALA A 36 15.88 2.85 10.83
CA ALA A 36 16.05 3.37 12.17
C ALA A 36 16.46 4.85 12.16
N TYR A 37 17.33 5.23 11.22
CA TYR A 37 17.71 6.65 11.10
C TYR A 37 16.49 7.52 10.78
N MET A 38 15.66 7.07 9.83
N MET A 38 15.66 7.09 9.83
CA MET A 38 14.48 7.86 9.47
CA MET A 38 14.47 7.88 9.49
C MET A 38 13.58 8.07 10.69
C MET A 38 13.59 8.09 10.71
N GLU A 39 13.41 7.04 11.51
CA GLU A 39 12.59 7.15 12.71
C GLU A 39 13.24 8.07 13.75
N SER A 40 14.57 8.09 13.83
CA SER A 40 15.24 9.00 14.76
C SER A 40 14.96 10.47 14.41
N GLN A 41 14.62 10.74 13.15
CA GLN A 41 14.24 12.08 12.69
C GLN A 41 12.74 12.32 12.72
N GLY A 42 11.96 11.35 13.21
CA GLY A 42 10.52 11.51 13.35
C GLY A 42 9.69 11.10 12.15
N ALA A 43 10.27 10.41 11.18
CA ALA A 43 9.56 10.14 9.93
C ALA A 43 8.29 9.33 10.16
N HIS A 44 8.33 8.37 11.10
CA HIS A 44 7.19 7.50 11.32
C HIS A 44 5.96 8.24 11.83
N ARG A 45 6.13 9.42 12.41
CA ARG A 45 4.96 10.13 12.93
C ARG A 45 3.97 10.48 11.83
N ALA A 46 4.43 10.64 10.59
CA ALA A 46 3.54 10.91 9.47
C ALA A 46 2.76 9.68 9.01
N GLY A 47 3.30 8.46 9.25
CA GLY A 47 2.75 7.24 8.68
C GLY A 47 3.34 6.81 7.37
N LEU A 48 4.05 7.70 6.67
CA LEU A 48 4.57 7.48 5.32
C LEU A 48 5.81 8.35 5.13
N ALA A 49 6.83 7.81 4.45
CA ALA A 49 8.02 8.56 4.06
C ALA A 49 8.40 8.22 2.63
N LYS A 50 8.99 9.18 1.93
CA LYS A 50 9.55 9.01 0.59
C LYS A 50 11.08 8.90 0.68
N ILE A 51 11.63 7.95 -0.08
CA ILE A 51 13.09 7.77 -0.16
C ILE A 51 13.51 7.84 -1.63
N ILE A 52 14.38 8.78 -1.95
CA ILE A 52 14.91 8.95 -3.29
C ILE A 52 16.28 8.27 -3.35
N PRO A 53 16.47 7.25 -4.19
CA PRO A 53 17.74 6.53 -4.17
CA PRO A 53 17.75 6.53 -4.16
C PRO A 53 18.88 7.39 -4.68
N PRO A 54 20.12 7.11 -4.26
CA PRO A 54 21.27 7.85 -4.80
C PRO A 54 21.38 7.66 -6.31
N LYS A 55 22.02 8.63 -6.95
CA LYS A 55 22.08 8.65 -8.41
C LYS A 55 22.85 7.46 -8.98
N GLU A 56 23.71 6.84 -8.18
CA GLU A 56 24.48 5.69 -8.65
C GLU A 56 23.67 4.39 -8.73
N TRP A 57 22.46 4.35 -8.18
CA TRP A 57 21.69 3.14 -7.98
C TRP A 57 20.67 2.90 -9.10
N LYS A 58 20.42 1.62 -9.41
CA LYS A 58 19.37 1.27 -10.35
CA LYS A 58 19.42 1.23 -10.41
C LYS A 58 18.74 -0.06 -9.94
N ALA A 59 17.42 -0.19 -10.16
CA ALA A 59 16.72 -1.42 -9.80
C ALA A 59 17.05 -2.56 -10.77
N ARG A 60 17.14 -2.27 -12.06
CA ARG A 60 17.48 -3.21 -13.12
C ARG A 60 17.90 -2.37 -14.32
N GLU A 61 18.41 -3.05 -15.35
CA GLU A 61 18.98 -2.32 -16.49
CA GLU A 61 18.98 -2.33 -16.50
C GLU A 61 17.91 -1.67 -17.36
N THR A 62 16.90 -2.43 -17.81
N THR A 62 16.85 -2.41 -17.72
CA THR A 62 15.81 -1.84 -18.58
CA THR A 62 15.85 -1.91 -18.65
C THR A 62 14.51 -2.54 -18.26
C THR A 62 14.52 -2.63 -18.44
N TYR A 63 13.42 -1.93 -18.73
CA TYR A 63 12.07 -2.49 -18.64
C TYR A 63 11.53 -2.87 -20.03
N ASP A 64 12.42 -3.15 -20.98
CA ASP A 64 12.02 -3.45 -22.35
CA ASP A 64 11.95 -3.42 -22.34
C ASP A 64 11.48 -4.86 -22.54
N ASN A 65 11.59 -5.74 -21.55
CA ASN A 65 11.29 -7.17 -21.73
CA ASN A 65 11.31 -7.16 -21.70
C ASN A 65 10.25 -7.67 -20.73
N ILE A 66 9.28 -6.83 -20.37
CA ILE A 66 8.26 -7.18 -19.36
C ILE A 66 6.89 -7.50 -19.94
N SER A 67 6.71 -7.44 -21.27
CA SER A 67 5.36 -7.49 -21.84
CA SER A 67 5.37 -7.49 -21.85
C SER A 67 4.72 -8.87 -21.76
N GLU A 68 5.49 -9.93 -21.53
CA GLU A 68 4.96 -11.29 -21.49
C GLU A 68 4.56 -11.76 -20.11
N ILE A 69 4.80 -10.95 -19.07
CA ILE A 69 4.26 -11.27 -17.75
C ILE A 69 2.76 -11.42 -17.86
N LEU A 70 2.18 -12.40 -17.16
CA LEU A 70 0.74 -12.61 -17.18
C LEU A 70 0.08 -11.99 -15.95
N ILE A 71 -1.02 -11.29 -16.19
CA ILE A 71 -1.95 -10.84 -15.15
C ILE A 71 -3.10 -11.84 -15.18
N ALA A 72 -3.06 -12.83 -14.29
CA ALA A 72 -4.00 -13.93 -14.38
C ALA A 72 -5.43 -13.51 -14.07
N THR A 73 -5.60 -12.54 -13.17
CA THR A 73 -6.94 -12.09 -12.76
C THR A 73 -6.96 -10.57 -12.62
N PRO A 74 -7.06 -9.85 -13.75
CA PRO A 74 -7.28 -8.40 -13.65
C PRO A 74 -8.59 -8.12 -12.92
N LEU A 75 -8.62 -7.03 -12.15
CA LEU A 75 -9.77 -6.69 -11.31
C LEU A 75 -10.39 -5.37 -11.75
N GLN A 76 -11.66 -5.42 -12.17
CA GLN A 76 -12.40 -4.20 -12.50
CA GLN A 76 -12.40 -4.21 -12.51
C GLN A 76 -12.99 -3.63 -11.22
N GLN A 77 -12.65 -2.36 -10.92
CA GLN A 77 -12.99 -1.72 -9.64
C GLN A 77 -14.25 -0.87 -9.78
N VAL A 78 -15.39 -1.46 -9.39
CA VAL A 78 -16.72 -0.89 -9.57
C VAL A 78 -17.12 -0.16 -8.29
N ALA A 79 -17.46 1.13 -8.40
CA ALA A 79 -17.78 1.97 -7.24
C ALA A 79 -19.28 2.07 -6.96
N SER A 80 -19.62 2.28 -5.69
N SER A 80 -19.59 2.29 -5.69
CA SER A 80 -20.97 2.61 -5.26
CA SER A 80 -20.97 2.43 -5.23
C SER A 80 -20.89 3.71 -4.21
C SER A 80 -20.98 3.52 -4.17
N GLY A 81 -21.89 4.60 -4.19
N GLY A 81 -21.80 4.56 -4.37
CA GLY A 81 -21.96 5.65 -3.18
CA GLY A 81 -21.91 5.65 -3.44
C GLY A 81 -22.05 7.06 -3.75
C GLY A 81 -21.70 6.98 -4.11
N ARG A 82 -21.22 7.97 -3.25
N ARG A 82 -21.29 7.96 -3.31
CA ARG A 82 -21.13 9.32 -3.74
CA ARG A 82 -21.13 9.34 -3.76
C ARG A 82 -19.66 9.67 -3.99
C ARG A 82 -19.66 9.64 -4.04
N ALA A 83 -19.43 10.78 -4.70
CA ALA A 83 -18.09 11.06 -5.24
C ALA A 83 -17.01 11.06 -4.17
N GLY A 84 -17.31 11.59 -3.00
CA GLY A 84 -16.35 11.68 -1.91
C GLY A 84 -16.42 10.60 -0.85
N VAL A 85 -17.42 9.72 -0.91
CA VAL A 85 -17.65 8.67 0.08
C VAL A 85 -18.22 7.46 -0.66
N PHE A 86 -17.37 6.48 -0.96
CA PHE A 86 -17.80 5.37 -1.80
C PHE A 86 -17.08 4.09 -1.40
N THR A 87 -17.66 2.97 -1.77
CA THR A 87 -16.96 1.68 -1.69
C THR A 87 -16.69 1.18 -3.10
N GLN A 88 -15.74 0.26 -3.22
CA GLN A 88 -15.50 -0.39 -4.50
C GLN A 88 -15.45 -1.91 -4.32
N TYR A 89 -16.00 -2.63 -5.29
CA TYR A 89 -15.87 -4.08 -5.32
C TYR A 89 -15.10 -4.49 -6.57
N HIS A 90 -14.49 -5.66 -6.50
CA HIS A 90 -13.59 -6.12 -7.54
C HIS A 90 -14.27 -7.22 -8.34
N LYS A 91 -14.49 -6.94 -9.63
CA LYS A 91 -15.05 -7.92 -10.55
C LYS A 91 -13.92 -8.56 -11.35
N LYS A 92 -13.80 -9.88 -11.28
CA LYS A 92 -12.71 -10.57 -11.98
C LYS A 92 -12.93 -10.55 -13.48
N LYS A 93 -11.84 -10.33 -14.22
CA LYS A 93 -11.82 -10.30 -15.68
C LYS A 93 -10.89 -11.39 -16.20
N LYS A 94 -10.98 -11.65 -17.52
CA LYS A 94 -10.12 -12.66 -18.14
C LYS A 94 -8.66 -12.25 -18.12
N ALA A 95 -7.78 -13.26 -18.10
CA ALA A 95 -6.35 -13.04 -18.03
C ALA A 95 -5.86 -12.23 -19.23
N MET A 96 -4.81 -11.45 -19.01
N MET A 96 -4.83 -11.41 -18.98
CA MET A 96 -4.16 -10.75 -20.11
CA MET A 96 -4.15 -10.61 -20.00
C MET A 96 -2.70 -10.50 -19.75
C MET A 96 -2.65 -10.64 -19.73
N THR A 97 -1.86 -10.39 -20.77
CA THR A 97 -0.45 -10.09 -20.55
C THR A 97 -0.27 -8.62 -20.20
N VAL A 98 0.92 -8.29 -19.69
CA VAL A 98 1.25 -6.88 -19.41
C VAL A 98 1.20 -6.05 -20.69
N GLY A 99 1.65 -6.61 -21.81
CA GLY A 99 1.58 -5.87 -23.06
C GLY A 99 0.14 -5.53 -23.45
N GLU A 100 -0.76 -6.50 -23.30
CA GLU A 100 -2.19 -6.27 -23.58
C GLU A 100 -2.79 -5.26 -22.60
N TYR A 101 -2.41 -5.36 -21.32
CA TYR A 101 -2.89 -4.43 -20.31
C TYR A 101 -2.42 -3.00 -20.59
N ARG A 102 -1.16 -2.83 -21.00
CA ARG A 102 -0.65 -1.50 -21.30
C ARG A 102 -1.41 -0.87 -22.47
N HIS A 103 -1.69 -1.67 -23.50
CA HIS A 103 -2.47 -1.17 -24.63
C HIS A 103 -3.87 -0.75 -24.17
N LEU A 104 -4.49 -1.54 -23.29
CA LEU A 104 -5.81 -1.21 -22.76
C LEU A 104 -5.78 0.09 -21.95
N ALA A 105 -4.80 0.23 -21.07
CA ALA A 105 -4.67 1.44 -20.26
C ALA A 105 -4.56 2.69 -21.12
N ASN A 106 -3.94 2.58 -22.28
CA ASN A 106 -3.71 3.72 -23.16
CA ASN A 106 -3.72 3.72 -23.15
C ASN A 106 -4.83 3.93 -24.17
N SER A 107 -5.86 3.09 -24.18
CA SER A 107 -6.98 3.25 -25.09
C SER A 107 -7.84 4.45 -24.68
N LYS A 108 -8.67 4.92 -25.63
CA LYS A 108 -9.46 6.11 -25.35
CA LYS A 108 -9.49 6.10 -25.37
C LYS A 108 -10.36 5.91 -24.13
N LYS A 109 -10.88 4.70 -23.92
CA LYS A 109 -11.78 4.46 -22.80
C LYS A 109 -11.10 4.65 -21.45
N TYR A 110 -9.81 4.33 -21.35
CA TYR A 110 -9.13 4.26 -20.05
C TYR A 110 -7.97 5.24 -19.86
N GLN A 111 -7.56 5.99 -20.89
CA GLN A 111 -6.34 6.79 -20.79
CA GLN A 111 -6.34 6.79 -20.78
C GLN A 111 -6.56 8.03 -19.92
N THR A 112 -5.46 8.48 -19.29
CA THR A 112 -5.46 9.71 -18.51
C THR A 112 -5.96 10.87 -19.37
N PRO A 113 -6.85 11.72 -18.86
CA PRO A 113 -7.27 12.91 -19.60
C PRO A 113 -6.18 13.97 -19.61
N PRO A 114 -6.24 14.92 -20.55
CA PRO A 114 -5.37 16.10 -20.47
C PRO A 114 -5.53 16.79 -19.13
N HIS A 115 -4.44 17.32 -18.60
CA HIS A 115 -4.45 18.00 -17.32
C HIS A 115 -3.23 18.90 -17.24
N GLN A 116 -3.28 19.88 -16.32
CA GLN A 116 -2.24 20.90 -16.26
C GLN A 116 -1.11 20.58 -15.28
N ASN A 117 -1.41 19.83 -14.23
CA ASN A 117 -0.45 19.53 -13.17
C ASN A 117 -1.07 18.45 -12.28
N PHE A 118 -0.32 18.00 -11.26
CA PHE A 118 -0.85 16.92 -10.40
C PHE A 118 -2.12 17.38 -9.66
N GLU A 119 -2.22 18.67 -9.32
CA GLU A 119 -3.39 19.15 -8.58
C GLU A 119 -4.66 19.11 -9.43
N ASP A 120 -4.54 19.49 -10.72
CA ASP A 120 -5.65 19.40 -11.65
C ASP A 120 -6.11 17.96 -11.79
N LEU A 121 -5.15 17.03 -11.92
CA LEU A 121 -5.54 15.63 -12.08
C LEU A 121 -6.21 15.09 -10.81
N GLU A 122 -5.72 15.49 -9.64
CA GLU A 122 -6.33 15.08 -8.37
C GLU A 122 -7.78 15.55 -8.29
N ARG A 123 -8.06 16.79 -8.70
CA ARG A 123 -9.43 17.30 -8.74
CA ARG A 123 -9.43 17.28 -8.73
C ARG A 123 -10.30 16.44 -9.66
N LYS A 124 -9.78 16.11 -10.85
CA LYS A 124 -10.52 15.28 -11.79
C LYS A 124 -10.79 13.89 -11.21
N TYR A 125 -9.80 13.30 -10.53
CA TYR A 125 -9.99 12.00 -9.89
C TYR A 125 -11.17 12.02 -8.91
N TRP A 126 -11.17 12.96 -7.96
CA TRP A 126 -12.22 12.93 -6.95
C TRP A 126 -13.58 13.34 -7.50
N LYS A 127 -13.59 14.15 -8.56
CA LYS A 127 -14.85 14.54 -9.19
C LYS A 127 -15.49 13.36 -9.94
N ASN A 128 -14.68 12.57 -10.63
CA ASN A 128 -15.17 11.66 -11.66
C ASN A 128 -14.92 10.18 -11.42
N ARG A 129 -14.17 9.78 -10.38
CA ARG A 129 -13.79 8.37 -10.21
C ARG A 129 -15.00 7.42 -10.22
N ILE A 130 -16.07 7.78 -9.52
CA ILE A 130 -17.15 6.80 -9.32
C ILE A 130 -17.86 6.45 -10.62
N TYR A 131 -17.75 7.29 -11.65
CA TYR A 131 -18.49 7.12 -12.88
C TYR A 131 -17.77 6.25 -13.89
N ASN A 132 -16.61 5.70 -13.50
CA ASN A 132 -15.84 4.80 -14.35
C ASN A 132 -15.45 3.57 -13.53
N SER A 133 -15.08 2.50 -14.22
CA SER A 133 -14.64 1.26 -13.57
C SER A 133 -13.31 0.82 -14.18
N PRO A 134 -12.19 1.36 -13.68
CA PRO A 134 -10.87 0.98 -14.23
C PRO A 134 -10.49 -0.44 -13.80
N ILE A 135 -9.48 -0.99 -14.49
CA ILE A 135 -9.07 -2.39 -14.31
C ILE A 135 -7.64 -2.38 -13.75
N TYR A 136 -7.43 -3.04 -12.60
CA TYR A 136 -6.17 -3.04 -11.85
C TYR A 136 -5.54 -4.43 -11.92
N GLY A 137 -4.29 -4.49 -12.32
CA GLY A 137 -3.52 -5.71 -12.27
C GLY A 137 -2.80 -5.83 -10.94
N ALA A 138 -3.52 -6.14 -9.89
CA ALA A 138 -3.00 -6.07 -8.53
C ALA A 138 -2.57 -7.44 -7.97
N ASP A 139 -1.63 -7.39 -7.04
CA ASP A 139 -1.29 -8.55 -6.19
C ASP A 139 -0.77 -9.75 -6.99
N ILE A 140 0.20 -9.49 -7.86
CA ILE A 140 0.83 -10.53 -8.67
C ILE A 140 2.15 -10.92 -8.01
N SER A 141 2.28 -12.17 -7.58
CA SER A 141 3.52 -12.60 -6.94
CA SER A 141 3.52 -12.61 -6.95
C SER A 141 4.67 -12.56 -7.94
N GLY A 142 5.76 -11.89 -7.58
CA GLY A 142 6.92 -11.75 -8.44
C GLY A 142 7.76 -10.53 -8.10
N SER A 143 8.85 -10.37 -8.86
CA SER A 143 9.77 -9.26 -8.65
C SER A 143 10.39 -8.79 -9.97
N LEU A 144 10.68 -7.49 -10.06
CA LEU A 144 11.39 -6.92 -11.19
C LEU A 144 12.79 -6.41 -10.82
N PHE A 145 13.26 -6.65 -9.59
CA PHE A 145 14.63 -6.27 -9.25
C PHE A 145 15.61 -7.28 -9.84
N ASP A 146 16.71 -6.76 -10.40
CA ASP A 146 17.80 -7.61 -10.89
C ASP A 146 18.47 -8.28 -9.69
N GLU A 147 18.79 -9.58 -9.82
CA GLU A 147 19.40 -10.28 -8.69
C GLU A 147 20.74 -9.64 -8.28
N ASN A 148 21.44 -8.99 -9.21
CA ASN A 148 22.69 -8.30 -8.89
C ASN A 148 22.51 -6.96 -8.17
N THR A 149 21.29 -6.46 -8.01
CA THR A 149 21.06 -5.25 -7.24
C THR A 149 21.08 -5.60 -5.76
N LYS A 150 22.10 -5.13 -5.05
CA LYS A 150 22.30 -5.55 -3.67
C LYS A 150 21.73 -4.58 -2.64
N GLN A 151 21.37 -3.37 -3.03
CA GLN A 151 20.83 -2.36 -2.11
C GLN A 151 19.34 -2.21 -2.35
N TRP A 152 18.54 -2.30 -1.28
CA TRP A 152 17.11 -2.01 -1.33
C TRP A 152 16.38 -2.87 -2.37
N ASN A 153 16.80 -4.14 -2.48
CA ASN A 153 16.16 -5.13 -3.33
C ASN A 153 15.02 -5.76 -2.54
N LEU A 154 13.78 -5.48 -2.96
CA LEU A 154 12.61 -5.90 -2.16
C LEU A 154 12.43 -7.41 -2.05
N GLY A 155 13.12 -8.20 -2.87
CA GLY A 155 13.11 -9.64 -2.76
C GLY A 155 14.19 -10.22 -1.89
N HIS A 156 15.06 -9.38 -1.32
CA HIS A 156 16.20 -9.82 -0.52
C HIS A 156 16.19 -9.20 0.89
N LEU A 157 15.04 -8.79 1.39
CA LEU A 157 14.99 -8.23 2.74
C LEU A 157 14.92 -9.35 3.78
N GLY A 158 15.29 -9.00 5.01
CA GLY A 158 15.11 -9.94 6.10
C GLY A 158 13.63 -10.21 6.32
N THR A 159 13.30 -11.47 6.65
CA THR A 159 11.91 -11.88 6.74
C THR A 159 11.28 -11.53 8.08
N ILE A 160 9.95 -11.38 8.06
CA ILE A 160 9.22 -11.09 9.29
C ILE A 160 9.30 -12.26 10.25
N GLN A 161 9.31 -13.48 9.70
CA GLN A 161 9.43 -14.67 10.55
C GLN A 161 10.77 -14.67 11.29
N ASP A 162 11.84 -14.27 10.60
CA ASP A 162 13.14 -14.20 11.27
C ASP A 162 13.17 -13.07 12.29
N LEU A 163 12.50 -11.95 12.01
CA LEU A 163 12.41 -10.85 12.99
C LEU A 163 11.73 -11.32 14.26
N LEU A 164 10.58 -12.00 14.12
CA LEU A 164 9.85 -12.47 15.30
CA LEU A 164 9.86 -12.48 15.31
C LEU A 164 10.70 -13.46 16.10
N GLU A 165 11.42 -14.34 15.41
CA GLU A 165 12.30 -15.28 16.09
C GLU A 165 13.41 -14.56 16.86
N LYS A 166 14.03 -13.56 16.22
CA LYS A 166 15.13 -12.82 16.85
C LYS A 166 14.65 -12.04 18.08
N GLU A 167 13.44 -11.46 18.02
CA GLU A 167 12.94 -10.65 19.13
C GLU A 167 12.33 -11.48 20.26
N CYS A 168 11.61 -12.55 19.92
CA CYS A 168 10.79 -13.26 20.89
C CYS A 168 11.26 -14.69 21.16
N GLY A 169 12.13 -15.27 20.33
CA GLY A 169 12.82 -16.49 20.68
C GLY A 169 12.39 -17.78 20.01
N VAL A 170 11.27 -17.86 19.30
CA VAL A 170 10.89 -19.14 18.69
C VAL A 170 10.69 -19.02 17.19
N VAL A 171 11.03 -20.12 16.51
CA VAL A 171 10.84 -20.25 15.08
C VAL A 171 9.36 -20.38 14.77
N ILE A 172 8.93 -19.77 13.68
CA ILE A 172 7.61 -19.98 13.14
C ILE A 172 7.70 -20.30 11.65
N GLU A 173 6.69 -21.02 11.17
CA GLU A 173 6.51 -21.28 9.75
C GLU A 173 6.08 -20.00 9.04
N GLY A 174 6.19 -20.02 7.71
CA GLY A 174 5.72 -18.97 6.86
C GLY A 174 6.81 -18.32 6.02
N VAL A 175 6.39 -17.68 4.93
CA VAL A 175 7.27 -16.96 4.01
C VAL A 175 6.57 -15.67 3.61
N ASN A 176 7.34 -14.81 2.91
N ASN A 176 7.36 -14.67 3.24
CA ASN A 176 7.05 -13.37 2.76
CA ASN A 176 6.76 -13.50 2.62
C ASN A 176 7.74 -12.91 1.47
C ASN A 176 7.65 -13.10 1.46
N THR A 177 7.00 -12.82 0.35
CA THR A 177 7.62 -12.45 -0.91
C THR A 177 6.92 -11.25 -1.55
N PRO A 178 7.56 -10.60 -2.52
CA PRO A 178 6.98 -9.37 -3.07
C PRO A 178 5.84 -9.60 -4.04
N TYR A 179 5.09 -8.51 -4.27
CA TYR A 179 3.97 -8.46 -5.20
C TYR A 179 4.15 -7.28 -6.15
N LEU A 180 3.64 -7.48 -7.37
CA LEU A 180 3.61 -6.47 -8.42
C LEU A 180 2.19 -5.93 -8.58
N TYR A 181 2.10 -4.64 -8.88
CA TYR A 181 0.84 -3.94 -9.17
C TYR A 181 0.98 -3.21 -10.50
N PHE A 182 0.23 -3.62 -11.51
CA PHE A 182 0.16 -2.91 -12.78
C PHE A 182 -1.11 -2.06 -12.76
N GLY A 183 -0.96 -0.73 -12.87
CA GLY A 183 -2.05 0.20 -12.73
C GLY A 183 -2.37 0.96 -14.01
N MET A 184 -3.53 1.63 -13.99
CA MET A 184 -3.96 2.55 -15.02
C MET A 184 -4.66 3.73 -14.35
N TRP A 185 -4.99 4.74 -15.15
CA TRP A 185 -5.72 5.90 -14.64
C TRP A 185 -6.93 5.47 -13.80
N LYS A 186 -7.06 6.08 -12.63
CA LYS A 186 -8.18 5.92 -11.69
C LYS A 186 -8.13 4.64 -10.87
N THR A 187 -7.22 3.70 -11.16
CA THR A 187 -7.12 2.55 -10.27
C THR A 187 -6.76 3.04 -8.86
N THR A 188 -7.36 2.39 -7.85
CA THR A 188 -7.51 2.93 -6.51
C THR A 188 -7.14 1.91 -5.45
N PHE A 189 -6.39 2.35 -4.43
CA PHE A 189 -6.23 1.57 -3.22
C PHE A 189 -6.99 2.22 -2.06
N ALA A 190 -7.85 1.43 -1.43
CA ALA A 190 -8.75 1.88 -0.38
C ALA A 190 -8.00 2.16 0.92
N TRP A 191 -8.68 2.89 1.85
CA TRP A 191 -8.11 3.20 3.16
C TRP A 191 -7.83 1.92 3.97
N HIS A 192 -6.57 1.74 4.41
CA HIS A 192 -6.22 0.58 5.21
C HIS A 192 -4.90 0.81 5.95
N THR A 193 -4.67 0.00 6.99
CA THR A 193 -3.33 -0.29 7.47
C THR A 193 -2.93 -1.68 6.98
N GLU A 194 -1.64 -2.02 7.13
CA GLU A 194 -1.17 -3.32 6.69
C GLU A 194 -1.67 -4.41 7.63
N ASP A 195 -1.70 -5.64 7.12
CA ASP A 195 -1.99 -6.79 7.96
C ASP A 195 -1.10 -6.76 9.22
N MET A 196 -1.70 -7.02 10.40
CA MET A 196 -1.00 -7.02 11.70
C MET A 196 -0.26 -5.71 11.97
N ASP A 197 -0.69 -4.64 11.29
CA ASP A 197 -0.11 -3.30 11.40
C ASP A 197 1.40 -3.30 11.11
N LEU A 198 1.81 -4.11 10.11
CA LEU A 198 3.19 -4.18 9.67
C LEU A 198 3.61 -2.90 8.93
N TYR A 199 4.94 -2.76 8.71
CA TYR A 199 5.43 -1.79 7.75
C TYR A 199 5.19 -2.31 6.33
N SER A 200 5.22 -1.39 5.34
CA SER A 200 5.34 -1.80 3.96
C SER A 200 6.36 -0.92 3.26
N ILE A 201 6.93 -1.45 2.17
CA ILE A 201 7.79 -0.67 1.27
C ILE A 201 7.32 -0.90 -0.17
N ASN A 202 7.26 0.20 -0.94
CA ASN A 202 6.69 0.25 -2.26
CA ASN A 202 6.66 0.28 -2.29
C ASN A 202 7.65 0.98 -3.20
N TYR A 203 8.02 0.32 -4.31
CA TYR A 203 8.92 0.93 -5.30
C TYR A 203 8.14 1.10 -6.61
N LEU A 204 8.14 2.32 -7.16
CA LEU A 204 7.49 2.58 -8.44
C LEU A 204 8.53 2.36 -9.56
N HIS A 205 8.44 1.20 -10.23
CA HIS A 205 9.44 0.81 -11.21
C HIS A 205 9.37 1.66 -12.49
N LEU A 206 8.17 1.99 -12.95
N LEU A 206 8.17 1.97 -12.95
CA LEU A 206 7.98 2.43 -14.32
CA LEU A 206 8.03 2.57 -14.26
C LEU A 206 6.64 3.14 -14.47
C LEU A 206 6.68 3.23 -14.38
N GLY A 207 6.60 4.18 -15.30
CA GLY A 207 5.35 4.76 -15.75
C GLY A 207 4.88 6.00 -15.00
N GLU A 208 3.57 6.19 -14.97
CA GLU A 208 2.98 7.41 -14.46
C GLU A 208 2.86 7.39 -12.93
N PRO A 209 2.65 8.54 -12.30
CA PRO A 209 2.75 8.61 -10.84
C PRO A 209 1.62 7.89 -10.09
N LYS A 210 1.82 7.86 -8.77
CA LYS A 210 0.88 7.30 -7.79
C LYS A 210 0.73 8.31 -6.66
N THR A 211 -0.50 8.78 -6.41
CA THR A 211 -0.75 9.76 -5.34
C THR A 211 -1.23 9.03 -4.09
N TRP A 212 -0.67 9.42 -2.94
CA TRP A 212 -0.92 8.80 -1.64
C TRP A 212 -1.54 9.81 -0.66
N TYR A 213 -2.45 9.30 0.19
CA TYR A 213 -2.98 10.00 1.35
C TYR A 213 -2.65 9.17 2.59
N VAL A 214 -2.35 9.82 3.72
CA VAL A 214 -1.93 9.11 4.92
C VAL A 214 -2.38 9.84 6.17
N VAL A 215 -2.80 9.08 7.18
CA VAL A 215 -3.18 9.60 8.51
C VAL A 215 -2.08 9.24 9.50
N PRO A 216 -1.57 10.18 10.30
CA PRO A 216 -0.54 9.83 11.32
C PRO A 216 -1.00 8.68 12.20
N PRO A 217 -0.13 7.72 12.51
CA PRO A 217 -0.51 6.64 13.43
C PRO A 217 -1.13 7.09 14.74
N GLU A 218 -0.66 8.19 15.32
CA GLU A 218 -1.22 8.65 16.59
C GLU A 218 -2.67 9.08 16.47
N HIS A 219 -3.17 9.31 15.24
CA HIS A 219 -4.54 9.74 14.99
C HIS A 219 -5.38 8.72 14.23
N GLY A 220 -4.92 7.48 14.11
CA GLY A 220 -5.63 6.49 13.31
C GLY A 220 -7.05 6.22 13.79
N GLN A 221 -7.26 6.26 15.11
N GLN A 221 -7.27 6.25 15.10
CA GLN A 221 -8.60 6.01 15.65
CA GLN A 221 -8.61 6.00 15.62
C GLN A 221 -9.59 7.08 15.19
C GLN A 221 -9.60 7.10 15.24
N ARG A 222 -9.13 8.30 14.93
CA ARG A 222 -10.03 9.34 14.41
C ARG A 222 -10.58 8.96 13.04
N LEU A 223 -9.73 8.39 12.19
CA LEU A 223 -10.21 7.93 10.89
C LEU A 223 -11.20 6.78 11.07
N GLU A 224 -10.91 5.84 11.98
CA GLU A 224 -11.80 4.71 12.20
C GLU A 224 -13.18 5.18 12.64
N ARG A 225 -13.23 6.22 13.49
CA ARG A 225 -14.52 6.67 14.00
CA ARG A 225 -14.51 6.69 14.00
C ARG A 225 -15.33 7.30 12.88
N LEU A 226 -14.67 8.09 12.00
CA LEU A 226 -15.38 8.67 10.87
C LEU A 226 -15.87 7.60 9.91
N ALA A 227 -15.04 6.58 9.65
CA ALA A 227 -15.46 5.53 8.75
C ALA A 227 -16.70 4.82 9.26
N ARG A 228 -16.78 4.56 10.56
CA ARG A 228 -17.97 3.93 11.11
CA ARG A 228 -17.97 3.93 11.11
C ARG A 228 -19.21 4.79 10.89
N GLU A 229 -19.05 6.12 11.00
CA GLU A 229 -20.18 7.01 10.78
C GLU A 229 -20.61 7.04 9.31
N LEU A 230 -19.64 6.99 8.39
CA LEU A 230 -19.90 7.14 6.96
C LEU A 230 -20.31 5.84 6.27
N PHE A 231 -20.00 4.69 6.85
CA PHE A 231 -20.33 3.38 6.28
C PHE A 231 -21.04 2.56 7.35
N PRO A 232 -22.26 2.95 7.72
CA PRO A 232 -22.86 2.38 8.93
C PRO A 232 -23.23 0.90 8.83
N GLY A 233 -23.74 0.46 7.68
CA GLY A 233 -24.01 -0.96 7.50
C GLY A 233 -22.75 -1.79 7.53
N SER A 234 -21.69 -1.32 6.88
CA SER A 234 -20.42 -2.06 6.90
C SER A 234 -19.89 -2.19 8.31
N SER A 235 -20.02 -1.12 9.10
CA SER A 235 -19.50 -1.13 10.45
C SER A 235 -20.25 -2.13 11.34
N ARG A 236 -21.58 -2.25 11.14
CA ARG A 236 -22.34 -3.23 11.92
C ARG A 236 -21.93 -4.65 11.57
N GLY A 237 -21.49 -4.88 10.33
CA GLY A 237 -21.08 -6.22 9.92
C GLY A 237 -19.73 -6.67 10.43
N CYS A 238 -18.83 -5.74 10.75
CA CYS A 238 -17.48 -6.11 11.15
C CYS A 238 -16.83 -4.97 11.92
N GLY A 239 -16.32 -5.26 13.12
CA GLY A 239 -15.67 -4.26 13.94
C GLY A 239 -14.33 -3.77 13.41
N ALA A 240 -13.79 -4.40 12.36
CA ALA A 240 -12.54 -3.98 11.72
C ALA A 240 -12.73 -3.93 10.19
N PHE A 241 -13.83 -3.33 9.74
CA PHE A 241 -14.20 -3.46 8.33
C PHE A 241 -13.22 -2.74 7.39
N LEU A 242 -12.41 -1.79 7.86
CA LEU A 242 -11.43 -1.21 6.95
C LEU A 242 -10.42 -2.24 6.47
N ARG A 243 -10.24 -3.32 7.22
CA ARG A 243 -9.38 -4.41 6.77
C ARG A 243 -9.91 -5.11 5.52
N HIS A 244 -11.18 -4.89 5.15
CA HIS A 244 -11.70 -5.39 3.89
C HIS A 244 -11.12 -4.66 2.69
N LYS A 245 -10.54 -3.47 2.89
CA LYS A 245 -9.89 -2.70 1.83
C LYS A 245 -10.86 -2.36 0.70
N VAL A 246 -11.99 -1.76 1.05
CA VAL A 246 -13.00 -1.37 0.05
C VAL A 246 -13.53 0.05 0.19
N ALA A 247 -13.15 0.79 1.24
CA ALA A 247 -13.78 2.08 1.53
C ALA A 247 -12.89 3.28 1.17
N LEU A 248 -13.48 4.25 0.46
CA LEU A 248 -12.78 5.48 0.09
C LEU A 248 -13.48 6.71 0.68
N ILE A 249 -12.66 7.65 1.15
CA ILE A 249 -13.10 8.93 1.69
C ILE A 249 -12.16 9.99 1.10
N SER A 250 -12.72 11.05 0.51
CA SER A 250 -11.90 12.05 -0.18
C SER A 250 -11.21 13.01 0.78
N PRO A 251 -10.15 13.70 0.31
CA PRO A 251 -9.53 14.72 1.15
C PRO A 251 -10.46 15.85 1.57
N THR A 252 -11.43 16.21 0.73
CA THR A 252 -12.40 17.24 1.12
C THR A 252 -13.25 16.79 2.29
N VAL A 253 -13.72 15.53 2.26
CA VAL A 253 -14.51 15.02 3.38
C VAL A 253 -13.66 14.88 4.65
N LEU A 254 -12.41 14.42 4.53
CA LEU A 254 -11.53 14.36 5.69
C LEU A 254 -11.36 15.75 6.31
N LYS A 255 -11.15 16.78 5.46
CA LYS A 255 -10.94 18.12 6.01
CA LYS A 255 -10.95 18.12 5.99
C LYS A 255 -12.21 18.63 6.68
N GLU A 256 -13.38 18.38 6.07
CA GLU A 256 -14.67 18.80 6.66
C GLU A 256 -14.87 18.23 8.04
N ASN A 257 -14.34 17.03 8.29
CA ASN A 257 -14.49 16.33 9.56
C ASN A 257 -13.28 16.46 10.48
N GLY A 258 -12.33 17.33 10.15
CA GLY A 258 -11.19 17.60 11.02
C GLY A 258 -10.21 16.46 11.18
N ILE A 259 -10.13 15.54 10.21
CA ILE A 259 -9.22 14.39 10.33
C ILE A 259 -7.83 14.85 9.93
N PRO A 260 -6.80 14.64 10.76
CA PRO A 260 -5.44 15.00 10.34
CA PRO A 260 -5.44 15.00 10.35
C PRO A 260 -4.93 14.03 9.29
N PHE A 261 -4.40 14.59 8.18
CA PHE A 261 -3.86 13.78 7.10
C PHE A 261 -2.88 14.60 6.27
N ASN A 262 -2.11 13.88 5.43
CA ASN A 262 -1.20 14.50 4.46
C ASN A 262 -1.30 13.77 3.14
N ARG A 263 -0.73 14.38 2.10
CA ARG A 263 -0.72 13.80 0.77
C ARG A 263 0.62 14.04 0.09
N ILE A 264 0.97 13.16 -0.85
CA ILE A 264 2.22 13.28 -1.61
C ILE A 264 2.09 12.41 -2.87
N THR A 265 2.75 12.82 -3.94
CA THR A 265 2.77 12.05 -5.19
C THR A 265 4.14 11.39 -5.37
N GLN A 266 4.11 10.08 -5.62
CA GLN A 266 5.30 9.27 -5.87
C GLN A 266 5.50 9.16 -7.38
N GLU A 267 6.75 9.34 -7.83
CA GLU A 267 7.12 9.22 -9.24
C GLU A 267 8.05 8.02 -9.44
N ALA A 268 8.18 7.62 -10.71
CA ALA A 268 8.99 6.46 -11.04
C ALA A 268 10.41 6.64 -10.51
N GLY A 269 10.95 5.56 -9.93
CA GLY A 269 12.28 5.57 -9.35
C GLY A 269 12.35 5.88 -7.86
N GLU A 270 11.22 6.04 -7.19
CA GLU A 270 11.15 6.47 -5.80
C GLU A 270 10.50 5.36 -4.97
N PHE A 271 10.97 5.23 -3.72
CA PHE A 271 10.41 4.32 -2.73
C PHE A 271 9.50 5.09 -1.77
N MET A 272 8.42 4.44 -1.33
CA MET A 272 7.58 4.91 -0.23
C MET A 272 7.54 3.83 0.84
N VAL A 273 7.77 4.21 2.09
CA VAL A 273 7.64 3.31 3.24
C VAL A 273 6.42 3.73 4.05
N THR A 274 5.51 2.79 4.33
CA THR A 274 4.45 3.00 5.31
C THR A 274 4.85 2.39 6.64
N PHE A 275 4.48 3.08 7.74
CA PHE A 275 4.88 2.71 9.09
C PHE A 275 3.72 2.05 9.85
N PRO A 276 4.02 1.28 10.89
CA PRO A 276 2.95 0.58 11.62
C PRO A 276 1.79 1.48 12.00
N TYR A 277 0.57 1.03 11.65
CA TYR A 277 -0.69 1.68 11.97
C TYR A 277 -0.86 3.02 11.26
N GLY A 278 -0.15 3.22 10.14
CA GLY A 278 -0.35 4.38 9.28
C GLY A 278 -1.38 4.08 8.20
N TYR A 279 -2.61 4.58 8.37
CA TYR A 279 -3.67 4.41 7.37
C TYR A 279 -3.29 5.16 6.09
N HIS A 280 -3.50 4.51 4.96
CA HIS A 280 -3.20 5.11 3.65
C HIS A 280 -4.21 4.67 2.59
N ALA A 281 -4.30 5.48 1.53
CA ALA A 281 -5.17 5.28 0.37
C ALA A 281 -4.54 6.05 -0.79
N GLY A 282 -5.00 5.79 -2.01
CA GLY A 282 -4.46 6.53 -3.14
C GLY A 282 -4.93 6.02 -4.49
N PHE A 283 -4.31 6.57 -5.54
CA PHE A 283 -4.71 6.28 -6.93
C PHE A 283 -3.54 6.43 -7.88
N ASN A 284 -3.66 5.76 -9.03
CA ASN A 284 -2.65 5.83 -10.10
C ASN A 284 -3.05 6.83 -11.18
N HIS A 285 -2.04 7.52 -11.72
CA HIS A 285 -2.27 8.58 -12.71
C HIS A 285 -2.43 8.05 -14.13
N GLY A 286 -1.99 6.83 -14.39
CA GLY A 286 -1.88 6.28 -15.73
C GLY A 286 -1.16 4.95 -15.65
N PHE A 287 -0.80 4.40 -16.81
CA PHE A 287 -0.13 3.09 -16.80
C PHE A 287 1.15 3.16 -15.98
N ASN A 288 1.29 2.22 -15.02
CA ASN A 288 2.51 2.13 -14.21
C ASN A 288 2.66 0.71 -13.64
N CYS A 289 3.81 0.49 -13.00
CA CYS A 289 4.13 -0.77 -12.33
C CYS A 289 4.87 -0.47 -11.04
N ALA A 290 4.33 -0.99 -9.93
CA ALA A 290 4.95 -0.90 -8.62
C ALA A 290 5.19 -2.31 -8.06
N GLU A 291 6.15 -2.39 -7.15
CA GLU A 291 6.46 -3.62 -6.41
C GLU A 291 6.43 -3.29 -4.92
N ALA A 292 5.86 -4.19 -4.11
CA ALA A 292 5.69 -3.94 -2.69
C ALA A 292 5.85 -5.22 -1.87
N ILE A 293 6.21 -5.04 -0.60
CA ILE A 293 6.31 -6.13 0.37
C ILE A 293 6.17 -5.57 1.76
N ASN A 294 5.62 -6.39 2.68
CA ASN A 294 5.60 -6.03 4.08
C ASN A 294 6.92 -6.41 4.74
N PHE A 295 7.26 -5.67 5.81
CA PHE A 295 8.44 -5.98 6.61
C PHE A 295 8.22 -5.55 8.06
N ALA A 296 9.14 -5.96 8.93
CA ALA A 296 9.08 -5.68 10.36
C ALA A 296 10.44 -5.22 10.87
N THR A 297 10.40 -4.54 12.03
CA THR A 297 11.57 -4.14 12.82
C THR A 297 11.25 -4.42 14.28
N PRO A 298 12.22 -4.30 15.19
CA PRO A 298 11.88 -4.49 16.61
C PRO A 298 10.74 -3.59 17.09
N ARG A 299 10.62 -2.36 16.58
CA ARG A 299 9.57 -1.44 17.03
C ARG A 299 8.17 -1.93 16.61
N TRP A 300 8.08 -2.78 15.59
CA TRP A 300 6.78 -3.29 15.17
C TRP A 300 6.12 -4.21 16.21
N ILE A 301 6.90 -4.94 17.01
CA ILE A 301 6.32 -6.00 17.84
C ILE A 301 5.15 -5.50 18.67
N ASP A 302 5.30 -4.35 19.34
CA ASP A 302 4.22 -3.75 20.15
CA ASP A 302 4.19 -3.89 20.17
C ASP A 302 2.97 -3.52 19.34
N TYR A 303 3.12 -3.07 18.10
CA TYR A 303 1.98 -2.84 17.23
C TYR A 303 1.30 -4.16 16.83
N GLY A 304 2.10 -5.19 16.50
CA GLY A 304 1.53 -6.48 16.17
C GLY A 304 0.70 -7.06 17.30
N LYS A 305 1.15 -6.85 18.54
CA LYS A 305 0.44 -7.36 19.72
C LYS A 305 -0.92 -6.72 19.90
N MET A 306 -1.09 -5.48 19.43
CA MET A 306 -2.32 -4.71 19.63
C MET A 306 -3.20 -4.60 18.39
N ALA A 307 -2.76 -5.13 17.24
CA ALA A 307 -3.49 -4.93 16.00
C ALA A 307 -4.90 -5.52 16.04
N SER A 308 -5.87 -4.77 15.49
CA SER A 308 -7.21 -5.32 15.34
C SER A 308 -7.19 -6.44 14.30
N GLN A 309 -8.24 -7.25 14.33
CA GLN A 309 -8.41 -8.32 13.37
C GLN A 309 -9.82 -8.31 12.81
N CYS A 310 -9.96 -8.65 11.53
CA CYS A 310 -11.23 -9.00 10.94
C CYS A 310 -11.47 -10.49 11.15
N SER A 311 -12.58 -10.84 11.77
CA SER A 311 -12.99 -12.22 11.98
CA SER A 311 -12.98 -12.23 11.93
C SER A 311 -14.39 -12.48 11.42
N CYS A 312 -14.91 -11.58 10.56
CA CYS A 312 -16.25 -11.76 9.99
C CYS A 312 -16.24 -12.68 8.77
N GLY A 313 -15.08 -13.03 8.25
CA GLY A 313 -14.96 -13.85 7.06
C GLY A 313 -14.51 -13.11 5.82
N GLU A 314 -14.74 -11.79 5.74
CA GLU A 314 -14.48 -11.07 4.51
C GLU A 314 -12.98 -11.00 4.19
N ALA A 315 -12.17 -10.50 5.12
CA ALA A 315 -10.77 -10.24 4.80
C ALA A 315 -10.02 -11.54 4.42
N ARG A 316 -9.02 -11.42 3.52
CA ARG A 316 -8.37 -12.56 2.83
C ARG A 316 -7.60 -13.55 3.75
N VAL A 317 -7.62 -14.86 3.42
CA VAL A 317 -6.65 -15.80 4.00
C VAL A 317 -5.25 -15.46 3.48
N THR A 318 -4.34 -15.10 4.39
CA THR A 318 -2.90 -14.97 4.11
C THR A 318 -2.18 -15.96 5.02
N PHE A 319 -1.48 -16.97 4.44
CA PHE A 319 -1.07 -18.12 5.28
C PHE A 319 -0.12 -17.69 6.40
N SER A 320 0.73 -16.70 6.14
CA SER A 320 1.72 -16.29 7.12
C SER A 320 1.10 -15.59 8.33
N MET A 321 -0.11 -15.03 8.21
CA MET A 321 -0.67 -14.30 9.34
CA MET A 321 -0.75 -14.33 9.32
C MET A 321 -1.01 -15.23 10.50
N ASP A 322 -1.27 -16.52 10.23
CA ASP A 322 -1.66 -17.46 11.27
C ASP A 322 -0.67 -17.41 12.43
N ALA A 323 0.62 -17.52 12.13
CA ALA A 323 1.60 -17.61 13.19
C ALA A 323 1.73 -16.30 13.95
N PHE A 324 1.55 -15.16 13.26
CA PHE A 324 1.63 -13.86 13.94
C PHE A 324 0.52 -13.74 14.98
N VAL A 325 -0.72 -14.12 14.62
CA VAL A 325 -1.82 -14.07 15.58
C VAL A 325 -1.60 -15.10 16.69
N ARG A 326 -1.14 -16.31 16.32
CA ARG A 326 -0.99 -17.38 17.29
C ARG A 326 -0.01 -17.01 18.40
N ILE A 327 1.12 -16.40 18.04
CA ILE A 327 2.18 -16.08 19.00
C ILE A 327 1.91 -14.74 19.69
N LEU A 328 1.50 -13.70 18.95
CA LEU A 328 1.36 -12.37 19.55
C LEU A 328 0.01 -12.12 20.21
N GLN A 329 -1.05 -12.79 19.76
N GLN A 329 -1.04 -12.81 19.77
CA GLN A 329 -2.40 -12.57 20.26
CA GLN A 329 -2.41 -12.57 20.23
C GLN A 329 -3.09 -13.89 20.57
C GLN A 329 -3.11 -13.87 20.59
N PRO A 330 -2.55 -14.68 21.50
CA PRO A 330 -3.14 -16.00 21.79
C PRO A 330 -4.60 -15.95 22.22
N GLU A 331 -5.05 -14.92 22.95
CA GLU A 331 -6.45 -14.89 23.35
CA GLU A 331 -6.46 -14.87 23.36
C GLU A 331 -7.39 -14.71 22.17
N ARG A 332 -6.94 -14.05 21.11
CA ARG A 332 -7.80 -13.81 19.95
C ARG A 332 -7.73 -14.91 18.91
N TYR A 333 -6.77 -15.83 19.04
CA TYR A 333 -6.45 -16.72 17.94
C TYR A 333 -7.63 -17.60 17.54
N ASP A 334 -8.28 -18.23 18.52
CA ASP A 334 -9.36 -19.17 18.20
C ASP A 334 -10.48 -18.49 17.41
N LEU A 335 -10.93 -17.32 17.87
CA LEU A 335 -11.98 -16.60 17.15
C LEU A 335 -11.51 -16.18 15.76
N TRP A 336 -10.29 -15.65 15.65
CA TRP A 336 -9.79 -15.25 14.35
C TRP A 336 -9.75 -16.45 13.41
N LYS A 337 -9.31 -17.60 13.91
CA LYS A 337 -9.15 -18.77 13.05
C LYS A 337 -10.50 -19.24 12.51
N ARG A 338 -11.54 -19.16 13.32
CA ARG A 338 -12.89 -19.47 12.82
C ARG A 338 -13.26 -18.55 11.66
N GLY A 339 -12.81 -17.30 11.69
CA GLY A 339 -13.08 -16.39 10.60
C GLY A 339 -12.39 -16.76 9.30
N GLN A 340 -11.30 -17.51 9.37
CA GLN A 340 -10.60 -17.94 8.17
C GLN A 340 -11.24 -19.22 7.66
ZN ZN B . -14.52 -8.26 8.53
CL CL C . -11.64 12.12 -15.67
C1 EDO D . -13.68 19.06 -15.15
O1 EDO D . -12.26 18.95 -15.04
C2 EDO D . -14.12 17.95 -16.08
O2 EDO D . -13.53 16.74 -15.59
C1 EDO E . 18.29 -6.07 0.35
O1 EDO E . 18.93 -5.46 -0.77
C2 EDO E . 18.61 -5.24 1.59
O2 EDO E . 20.04 -5.28 1.80
C1 EDO F . -8.25 19.59 -1.40
O1 EDO F . -8.16 18.38 -2.13
C2 EDO F . -9.25 19.47 -0.24
O2 EDO F . -8.57 18.92 0.91
C1 EDO G . -12.34 8.26 -18.16
O1 EDO G . -11.90 8.16 -16.79
C2 EDO G . -11.16 7.90 -19.06
O2 EDO G . -10.15 8.88 -18.83
C1 EDO H . -9.46 16.88 -4.29
O1 EDO H . -8.42 17.62 -4.93
C2 EDO H . -10.75 16.96 -5.11
O2 EDO H . -11.18 18.31 -5.23
C1 EDO I . -1.40 15.56 -4.38
O1 EDO I . 0.00 15.31 -4.15
C2 EDO I . -1.54 16.24 -5.73
O2 EDO I . -0.22 16.45 -6.24
C1 EDO J . 22.16 8.13 7.79
O1 EDO J . 23.14 9.00 8.39
C2 EDO J . 22.11 6.81 8.56
O2 EDO J . 22.87 5.77 7.92
C1 EDO K . 29.13 10.05 -0.99
O1 EDO K . 28.37 9.23 -1.87
C2 EDO K . 28.75 11.51 -1.19
O2 EDO K . 28.39 11.71 -2.56
C1 EDO L . 1.12 -5.35 -0.77
O1 EDO L . 0.52 -4.07 -0.53
C2 EDO L . 2.11 -5.78 0.30
O2 EDO L . 2.70 -4.62 0.91
S SO4 M . 16.70 -6.33 -18.90
O1 SO4 M . 16.88 -5.34 -19.97
O2 SO4 M . 16.66 -5.63 -17.62
O3 SO4 M . 15.46 -7.09 -19.10
O4 SO4 M . 17.82 -7.27 -18.90
S SO4 N . 0.84 0.48 -26.45
O1 SO4 N . 1.38 1.08 -27.67
O2 SO4 N . -0.04 1.45 -25.80
O3 SO4 N . 0.10 -0.73 -26.80
O4 SO4 N . 1.94 0.14 -25.55
NI NI O . -0.84 -0.76 1.94
CAA CTK P . -6.04 -2.38 -4.37
CAC CTK P . -1.95 -1.00 -2.37
CAD CTK P . -1.95 -1.18 -0.98
CAE CTK P . -1.17 0.02 -2.96
CAG CTK P . -0.32 0.76 -2.15
CAH CTK P . -0.37 0.57 -0.77
CAI CTK P . -1.15 0.15 -4.35
CAM CTK P . -3.63 -3.09 -0.92
CAN CTK P . -4.85 -2.37 -1.46
NAF CTK P . -1.18 -0.42 -0.19
NAL CTK P . -2.69 -2.12 -0.35
NAO CTK P . -5.81 -3.40 -1.87
OAB CTK P . -8.01 -3.81 -3.11
OAJ CTK P . -0.22 0.82 -4.90
OAK CTK P . -2.15 -0.19 -5.05
OAQ CTK P . -7.57 -1.46 -2.34
SAP CTK P . -6.93 -2.78 -2.89
#